data_8FOY
#
_entry.id   8FOY
#
_cell.length_a   1.00
_cell.length_b   1.00
_cell.length_c   1.00
_cell.angle_alpha   90.00
_cell.angle_beta   90.00
_cell.angle_gamma   90.00
#
_symmetry.space_group_name_H-M   'P 1'
#
_entity_poly.entity_id   1
_entity_poly.type   'polypeptide(L)'
_entity_poly.pdbx_seq_one_letter_code
;MAQDALSDGFVRLCIDPSLNFFGEGCKILVEGQMTDDGSATPDAVTCVTSELDIIERFGQGSVLTESLRKVFCTCKSGVS
VYALPREDAAAGVKAVYTLTIAGPATTDGRVQLYMGEAEYAVDIGVDAGDTATDIAAAIVAAISPDFPYAATAAAGVITL
TARNAGTIGNHLSVIYTNLGSCTSVTPEGVTVTFAQTTAGSVNPTPNDYATVVNECCFAVYVLSSDDTDWQENLRDWIRS
AWDCSKPQCFGHGYVFNKGTLGQVLADGDNSAELSRLALPTTYPVLPYLTNAAYGALSACSTCNNPELNIQGQTFGLLSC
INMPESCTPGWTFGEVTQLQANGFVVSGPSTTSGQGNYTSPYIYNDVTNYLRDEKNRPNATFRDASSRRLAAATGVALAE
FLQQFNGLAVFTKNTNIRTGIIGTNPRLMLGKIRKWAQDNVGTLFSEFDNINEDIQLLTDFEVQPKCVGQPGIFHLNMRY
RPPVRGARINVNMAPALFDNCDR
;
_entity_poly.pdbx_strand_id   D
#
# COMPACT_ATOMS: atom_id res chain seq x y z
N ALA A 2 12.13 -49.80 -25.15
CA ALA A 2 12.47 -49.04 -23.95
C ALA A 2 13.97 -48.96 -23.80
N GLN A 3 14.41 -48.64 -22.59
CA GLN A 3 15.81 -48.41 -22.31
C GLN A 3 16.29 -49.47 -21.32
N ASP A 4 17.49 -49.99 -21.54
CA ASP A 4 18.04 -51.05 -20.70
C ASP A 4 17.93 -50.72 -19.22
N ALA A 5 17.60 -51.75 -18.43
CA ALA A 5 17.27 -51.67 -17.01
C ALA A 5 15.88 -51.12 -16.79
N LEU A 6 15.24 -50.62 -17.83
CA LEU A 6 13.84 -50.22 -17.74
C LEU A 6 12.93 -51.08 -18.60
N SER A 7 13.49 -51.94 -19.43
CA SER A 7 12.69 -52.71 -20.38
C SER A 7 12.06 -53.94 -19.76
N ASP A 8 12.74 -54.55 -18.80
CA ASP A 8 12.24 -55.75 -18.14
C ASP A 8 11.15 -55.46 -17.13
N GLY A 9 10.86 -54.19 -16.86
CA GLY A 9 9.81 -53.82 -15.94
C GLY A 9 10.12 -54.12 -14.49
N PHE A 10 11.35 -54.54 -14.20
CA PHE A 10 11.74 -54.75 -12.82
C PHE A 10 11.80 -53.42 -12.06
N VAL A 11 12.30 -52.38 -12.72
CA VAL A 11 12.31 -51.03 -12.18
C VAL A 11 11.30 -50.22 -12.96
N ARG A 12 10.24 -49.79 -12.30
CA ARG A 12 9.27 -48.88 -12.88
C ARG A 12 9.53 -47.49 -12.33
N LEU A 13 9.67 -46.52 -13.21
CA LEU A 13 10.19 -45.21 -12.85
C LEU A 13 9.16 -44.13 -13.13
N CYS A 14 9.02 -43.19 -12.20
CA CYS A 14 8.12 -42.06 -12.32
C CYS A 14 8.86 -40.82 -11.85
N ILE A 15 8.60 -39.69 -12.51
CA ILE A 15 9.41 -38.49 -12.30
C ILE A 15 8.81 -37.56 -11.24
N ASP A 16 7.50 -37.33 -11.29
CA ASP A 16 6.82 -36.57 -10.23
C ASP A 16 7.36 -35.16 -10.06
N PRO A 17 7.04 -34.22 -10.97
CA PRO A 17 7.51 -32.85 -10.84
C PRO A 17 6.61 -31.98 -9.97
N SER A 18 6.19 -32.51 -8.82
CA SER A 18 5.18 -31.83 -8.03
C SER A 18 5.78 -30.92 -6.97
N LEU A 19 7.07 -31.08 -6.65
CA LEU A 19 7.68 -30.22 -5.66
C LEU A 19 7.97 -28.83 -6.24
N ASN A 20 8.34 -28.78 -7.51
CA ASN A 20 8.94 -27.58 -8.09
C ASN A 20 7.90 -26.73 -8.80
N PHE A 21 6.88 -26.30 -8.07
CA PHE A 21 5.91 -25.35 -8.59
C PHE A 21 6.04 -24.05 -7.82
N PHE A 22 6.02 -22.94 -8.55
CA PHE A 22 6.32 -21.65 -7.95
C PHE A 22 5.15 -21.17 -7.11
N GLY A 23 5.48 -20.49 -6.01
CA GLY A 23 4.48 -19.84 -5.20
C GLY A 23 4.06 -18.54 -5.86
N GLU A 24 2.82 -18.14 -5.58
CA GLU A 24 2.26 -16.91 -6.14
C GLU A 24 3.17 -15.72 -5.91
N GLY A 25 3.43 -15.39 -4.64
CA GLY A 25 4.32 -14.30 -4.34
C GLY A 25 3.67 -13.19 -3.55
N CYS A 26 3.64 -11.99 -4.11
CA CYS A 26 3.16 -10.80 -3.43
C CYS A 26 1.82 -10.41 -4.06
N LYS A 27 0.74 -10.76 -3.36
CA LYS A 27 -0.62 -10.52 -3.86
C LYS A 27 -1.05 -9.11 -3.49
N ILE A 28 -0.72 -8.16 -4.34
CA ILE A 28 -1.13 -6.77 -4.22
C ILE A 28 -2.03 -6.42 -5.40
N LEU A 29 -3.20 -5.90 -5.10
CA LEU A 29 -4.16 -5.48 -6.13
C LEU A 29 -4.15 -3.97 -6.23
N VAL A 30 -3.61 -3.46 -7.32
CA VAL A 30 -3.55 -2.03 -7.57
C VAL A 30 -4.76 -1.64 -8.40
N GLU A 31 -5.60 -0.75 -7.88
CA GLU A 31 -6.81 -0.33 -8.56
C GLU A 31 -6.71 1.14 -8.92
N GLY A 32 -7.08 1.47 -10.15
CA GLY A 32 -7.00 2.85 -10.59
C GLY A 32 -7.59 2.98 -11.97
N GLN A 33 -7.77 4.21 -12.39
CA GLN A 33 -8.34 4.47 -13.69
C GLN A 33 -7.30 4.25 -14.79
N MET A 34 -7.76 3.71 -15.91
CA MET A 34 -6.91 3.49 -17.06
C MET A 34 -7.43 4.30 -18.24
N THR A 35 -6.52 4.68 -19.13
CA THR A 35 -6.93 5.44 -20.30
C THR A 35 -7.44 4.51 -21.38
N ASP A 36 -8.16 5.08 -22.34
CA ASP A 36 -8.74 4.28 -23.41
C ASP A 36 -7.69 3.72 -24.36
N ASP A 37 -6.45 4.15 -24.25
CA ASP A 37 -5.39 3.57 -25.08
C ASP A 37 -5.07 2.15 -24.65
N GLY A 38 -5.43 1.78 -23.42
CA GLY A 38 -5.05 0.47 -22.92
C GLY A 38 -5.90 -0.65 -23.50
N SER A 39 -5.33 -1.84 -23.48
CA SER A 39 -6.00 -3.03 -24.01
C SER A 39 -6.65 -3.86 -22.91
N ALA A 40 -6.51 -3.48 -21.65
CA ALA A 40 -7.09 -4.26 -20.57
C ALA A 40 -8.60 -4.09 -20.57
N THR A 41 -9.29 -5.12 -20.11
CA THR A 41 -10.73 -5.04 -19.95
C THR A 41 -11.06 -4.41 -18.61
N PRO A 42 -11.81 -3.32 -18.57
CA PRO A 42 -12.07 -2.67 -17.29
C PRO A 42 -12.91 -3.55 -16.39
N ASP A 43 -12.81 -3.29 -15.08
CA ASP A 43 -13.61 -3.98 -14.08
C ASP A 43 -13.29 -5.47 -14.02
N ALA A 44 -12.00 -5.79 -14.09
CA ALA A 44 -11.58 -7.19 -14.07
C ALA A 44 -10.16 -7.29 -13.53
N VAL A 45 -9.99 -8.04 -12.45
CA VAL A 45 -8.69 -8.22 -11.83
C VAL A 45 -7.83 -9.08 -12.73
N THR A 46 -6.69 -8.54 -13.15
CA THR A 46 -5.80 -9.22 -14.09
C THR A 46 -4.38 -9.23 -13.54
N CYS A 47 -3.71 -10.37 -13.70
CA CYS A 47 -2.32 -10.48 -13.30
C CYS A 47 -1.45 -9.61 -14.20
N VAL A 48 -0.51 -8.90 -13.60
CA VAL A 48 0.47 -8.10 -14.33
C VAL A 48 1.83 -8.73 -14.12
N THR A 49 2.39 -9.31 -15.18
CA THR A 49 3.60 -10.09 -15.03
C THR A 49 4.81 -9.21 -14.75
N SER A 50 5.03 -8.18 -15.56
CA SER A 50 6.18 -7.32 -15.36
C SER A 50 5.82 -5.91 -15.82
N GLU A 51 6.81 -5.01 -15.74
CA GLU A 51 6.61 -3.62 -16.09
C GLU A 51 6.52 -3.40 -17.59
N LEU A 52 6.75 -4.44 -18.40
CA LEU A 52 6.80 -4.27 -19.83
C LEU A 52 5.43 -3.95 -20.41
N ASP A 53 4.42 -4.73 -20.05
CA ASP A 53 3.10 -4.63 -20.64
C ASP A 53 2.21 -3.60 -19.97
N ILE A 54 2.76 -2.80 -19.06
CA ILE A 54 1.94 -1.82 -18.35
C ILE A 54 1.34 -0.82 -19.33
N ILE A 55 2.18 -0.24 -20.18
CA ILE A 55 1.71 0.80 -21.09
C ILE A 55 0.73 0.23 -22.10
N GLU A 56 1.00 -0.98 -22.57
CA GLU A 56 0.10 -1.60 -23.54
C GLU A 56 -1.25 -1.90 -22.92
N ARG A 57 -1.25 -2.44 -21.71
CA ARG A 57 -2.48 -2.98 -21.15
C ARG A 57 -3.34 -1.90 -20.50
N PHE A 58 -2.73 -1.04 -19.68
CA PHE A 58 -3.49 -0.10 -18.87
C PHE A 58 -3.33 1.34 -19.33
N GLY A 59 -2.97 1.54 -20.59
CA GLY A 59 -2.93 2.90 -21.10
C GLY A 59 -1.58 3.55 -20.88
N GLN A 60 -1.26 4.48 -21.76
CA GLN A 60 0.01 5.18 -21.73
C GLN A 60 -0.17 6.46 -20.92
N GLY A 61 0.48 6.51 -19.76
CA GLY A 61 0.35 7.65 -18.88
C GLY A 61 -0.89 7.67 -18.02
N SER A 62 -1.58 6.55 -17.87
CA SER A 62 -2.78 6.54 -17.03
C SER A 62 -2.39 6.56 -15.55
N VAL A 63 -3.40 6.70 -14.70
CA VAL A 63 -3.17 6.63 -13.26
C VAL A 63 -2.72 5.23 -12.86
N LEU A 64 -3.42 4.22 -13.38
CA LEU A 64 -3.06 2.85 -13.05
C LEU A 64 -1.69 2.50 -13.57
N THR A 65 -1.34 2.98 -14.76
CA THR A 65 -0.01 2.75 -15.31
C THR A 65 1.07 3.25 -14.36
N GLU A 66 0.91 4.48 -13.87
CA GLU A 66 1.94 5.07 -13.03
C GLU A 66 2.00 4.42 -11.65
N SER A 67 0.84 4.14 -11.05
CA SER A 67 0.84 3.47 -9.77
C SER A 67 1.45 2.08 -9.89
N LEU A 68 1.17 1.37 -10.99
CA LEU A 68 1.79 0.07 -11.19
C LEU A 68 3.29 0.19 -11.43
N ARG A 69 3.72 1.24 -12.12
CA ARG A 69 5.15 1.46 -12.29
C ARG A 69 5.82 1.64 -10.95
N LYS A 70 5.18 2.36 -10.03
CA LYS A 70 5.76 2.52 -8.71
C LYS A 70 5.72 1.22 -7.90
N VAL A 71 4.67 0.43 -8.05
CA VAL A 71 4.62 -0.85 -7.35
C VAL A 71 5.74 -1.76 -7.84
N PHE A 72 6.04 -1.72 -9.13
CA PHE A 72 7.10 -2.55 -9.66
C PHE A 72 8.48 -2.02 -9.32
N CYS A 73 8.64 -0.70 -9.26
CA CYS A 73 9.91 -0.14 -8.81
C CYS A 73 10.16 -0.46 -7.35
N THR A 74 9.11 -0.54 -6.54
CA THR A 74 9.29 -0.71 -5.11
C THR A 74 9.72 -2.13 -4.76
N CYS A 75 8.89 -3.12 -5.07
CA CYS A 75 9.20 -4.47 -4.61
C CYS A 75 10.30 -5.09 -5.48
N LYS A 76 10.89 -6.15 -4.95
CA LYS A 76 12.17 -6.68 -5.44
C LYS A 76 12.14 -7.12 -6.90
N SER A 77 11.42 -8.21 -7.21
CA SER A 77 11.22 -8.67 -8.57
C SER A 77 9.82 -9.23 -8.73
N GLY A 78 8.87 -8.62 -8.03
CA GLY A 78 7.51 -9.11 -7.99
C GLY A 78 6.83 -9.24 -9.34
N VAL A 79 6.18 -10.38 -9.56
CA VAL A 79 5.34 -10.57 -10.73
C VAL A 79 3.88 -10.83 -10.36
N SER A 80 3.59 -11.13 -9.10
CA SER A 80 2.22 -11.36 -8.67
C SER A 80 1.46 -10.07 -8.39
N VAL A 81 1.89 -8.95 -8.96
CA VAL A 81 1.12 -7.72 -8.91
C VAL A 81 -0.13 -7.88 -9.76
N TYR A 82 -1.30 -7.79 -9.15
CA TYR A 82 -2.56 -7.78 -9.87
C TYR A 82 -3.02 -6.35 -10.02
N ALA A 83 -3.77 -6.08 -11.08
CA ALA A 83 -4.33 -4.77 -11.32
C ALA A 83 -5.82 -4.90 -11.51
N LEU A 84 -6.54 -3.83 -11.22
CA LEU A 84 -7.98 -3.75 -11.37
C LEU A 84 -8.27 -2.46 -12.12
N PRO A 85 -8.18 -2.47 -13.43
CA PRO A 85 -8.37 -1.23 -14.19
C PRO A 85 -9.80 -0.76 -14.08
N ARG A 86 -9.96 0.56 -14.05
CA ARG A 86 -11.28 1.17 -13.97
C ARG A 86 -11.45 2.12 -15.12
N GLU A 87 -12.68 2.28 -15.56
CA GLU A 87 -13.02 3.19 -16.64
C GLU A 87 -13.27 4.57 -16.06
N ASP A 88 -12.96 5.61 -16.83
CA ASP A 88 -13.33 6.95 -16.42
C ASP A 88 -14.84 7.06 -16.36
N ALA A 89 -15.32 7.93 -15.47
CA ALA A 89 -16.75 8.17 -15.38
C ALA A 89 -17.26 8.70 -16.72
N ALA A 90 -18.55 8.45 -16.98
CA ALA A 90 -19.12 8.87 -18.26
C ALA A 90 -19.02 10.37 -18.45
N ALA A 91 -19.43 11.13 -17.43
CA ALA A 91 -19.37 12.58 -17.47
C ALA A 91 -18.12 13.14 -16.80
N GLY A 92 -17.06 12.33 -16.65
CA GLY A 92 -15.87 12.81 -15.99
C GLY A 92 -15.19 13.93 -16.76
N VAL A 93 -14.65 14.88 -16.00
CA VAL A 93 -13.98 16.05 -16.56
C VAL A 93 -12.51 15.97 -16.23
N LYS A 94 -11.67 16.12 -17.24
CA LYS A 94 -10.23 16.06 -17.05
C LYS A 94 -9.72 17.39 -16.53
N ALA A 95 -8.90 17.34 -15.48
CA ALA A 95 -8.30 18.56 -14.97
C ALA A 95 -7.37 19.16 -16.01
N VAL A 96 -7.39 20.49 -16.09
CA VAL A 96 -6.54 21.23 -17.03
C VAL A 96 -5.73 22.25 -16.25
N TYR A 97 -4.41 22.17 -16.37
CA TYR A 97 -3.51 23.15 -15.81
C TYR A 97 -2.90 23.94 -16.95
N THR A 98 -2.58 25.20 -16.70
CA THR A 98 -1.94 26.05 -17.70
C THR A 98 -0.63 26.57 -17.12
N LEU A 99 0.47 26.02 -17.60
CA LEU A 99 1.80 26.50 -17.29
C LEU A 99 2.14 27.58 -18.29
N THR A 100 1.93 28.83 -17.93
CA THR A 100 2.13 29.93 -18.85
C THR A 100 3.55 30.49 -18.70
N ILE A 101 4.23 30.64 -19.83
CA ILE A 101 5.61 31.09 -19.87
C ILE A 101 5.66 32.44 -20.55
N ALA A 102 6.35 33.39 -19.95
CA ALA A 102 6.50 34.73 -20.51
C ALA A 102 7.97 35.03 -20.70
N GLY A 103 8.30 35.67 -21.81
CA GLY A 103 9.65 36.04 -22.11
C GLY A 103 9.74 37.42 -22.73
N PRO A 104 10.65 37.58 -23.70
CA PRO A 104 11.58 36.54 -24.15
C PRO A 104 12.74 36.41 -23.19
N ALA A 105 13.51 35.34 -23.31
CA ALA A 105 14.72 35.24 -22.52
C ALA A 105 15.76 36.23 -23.05
N THR A 106 16.48 36.86 -22.13
CA THR A 106 17.55 37.77 -22.52
C THR A 106 18.93 37.17 -22.31
N THR A 107 19.07 36.25 -21.36
CA THR A 107 20.31 35.53 -21.16
C THR A 107 20.05 34.03 -21.26
N ASP A 108 21.10 33.27 -21.50
CA ASP A 108 20.96 31.83 -21.53
C ASP A 108 20.73 31.30 -20.12
N GLY A 109 20.44 30.01 -20.04
CA GLY A 109 20.22 29.38 -18.76
C GLY A 109 19.53 28.06 -18.93
N ARG A 110 19.32 27.38 -17.81
CA ARG A 110 18.59 26.13 -17.77
C ARG A 110 17.24 26.37 -17.13
N VAL A 111 16.21 25.76 -17.67
CA VAL A 111 14.87 25.79 -17.11
C VAL A 111 14.55 24.38 -16.65
N GLN A 112 14.53 24.17 -15.34
CA GLN A 112 14.20 22.89 -14.76
C GLN A 112 12.85 22.95 -14.07
N LEU A 113 12.06 21.91 -14.26
CA LEU A 113 10.71 21.87 -13.72
C LEU A 113 10.46 20.51 -13.10
N TYR A 114 10.02 20.51 -11.86
CA TYR A 114 9.55 19.30 -11.19
C TYR A 114 8.05 19.26 -11.36
N MET A 115 7.58 18.48 -12.32
CA MET A 115 6.17 18.21 -12.51
C MET A 115 5.87 16.80 -12.06
N GLY A 116 4.85 16.64 -11.24
CA GLY A 116 4.49 15.31 -10.80
C GLY A 116 5.51 14.72 -9.85
N GLU A 117 6.31 13.78 -10.35
CA GLU A 117 7.38 13.15 -9.59
C GLU A 117 8.70 13.44 -10.27
N ALA A 118 9.80 13.05 -9.62
CA ALA A 118 11.13 13.25 -10.18
C ALA A 118 11.34 12.46 -11.45
N GLU A 119 10.53 11.43 -11.69
CA GLU A 119 10.65 10.69 -12.94
C GLU A 119 10.19 11.53 -14.14
N TYR A 120 9.38 12.56 -13.90
CA TYR A 120 8.80 13.36 -14.95
C TYR A 120 9.45 14.73 -15.10
N ALA A 121 10.48 15.03 -14.32
CA ALA A 121 11.08 16.36 -14.34
C ALA A 121 11.65 16.67 -15.71
N VAL A 122 11.60 17.94 -16.08
CA VAL A 122 12.16 18.39 -17.35
C VAL A 122 13.31 19.32 -17.06
N ASP A 123 14.28 19.36 -17.98
CA ASP A 123 15.49 20.16 -17.80
C ASP A 123 15.91 20.61 -19.19
N ILE A 124 15.48 21.81 -19.59
CA ILE A 124 15.74 22.27 -20.94
C ILE A 124 16.76 23.40 -20.89
N GLY A 125 17.40 23.64 -22.02
CA GLY A 125 18.34 24.74 -22.13
C GLY A 125 17.78 25.88 -22.95
N VAL A 126 17.55 27.02 -22.31
CA VAL A 126 17.02 28.20 -22.95
C VAL A 126 18.19 29.10 -23.32
N ASP A 127 18.25 29.49 -24.59
CA ASP A 127 19.27 30.42 -25.05
C ASP A 127 18.70 31.84 -25.06
N ALA A 128 19.59 32.81 -25.22
CA ALA A 128 19.17 34.20 -25.21
C ALA A 128 18.36 34.52 -26.45
N GLY A 129 17.29 35.28 -26.27
CA GLY A 129 16.43 35.63 -27.38
C GLY A 129 15.36 34.62 -27.70
N ASP A 130 15.32 33.49 -27.00
CA ASP A 130 14.24 32.53 -27.19
C ASP A 130 12.93 33.13 -26.72
N THR A 131 11.94 33.15 -27.60
CA THR A 131 10.63 33.66 -27.22
C THR A 131 9.92 32.65 -26.34
N ALA A 132 8.84 33.09 -25.69
CA ALA A 132 8.07 32.19 -24.86
C ALA A 132 7.53 31.01 -25.64
N THR A 133 7.29 31.21 -26.94
CA THR A 133 6.81 30.11 -27.78
C THR A 133 7.85 29.00 -27.88
N ASP A 134 9.11 29.37 -28.13
CA ASP A 134 10.15 28.36 -28.26
C ASP A 134 10.40 27.65 -26.94
N ILE A 135 10.33 28.39 -25.83
CA ILE A 135 10.55 27.76 -24.53
C ILE A 135 9.41 26.80 -24.20
N ALA A 136 8.18 27.21 -24.49
CA ALA A 136 7.04 26.31 -24.26
C ALA A 136 7.14 25.07 -25.14
N ALA A 137 7.55 25.25 -26.40
CA ALA A 137 7.71 24.10 -27.28
C ALA A 137 8.79 23.17 -26.77
N ALA A 138 9.89 23.72 -26.26
CA ALA A 138 10.96 22.90 -25.71
C ALA A 138 10.49 22.13 -24.49
N ILE A 139 9.75 22.80 -23.61
CA ILE A 139 9.27 22.12 -22.40
C ILE A 139 8.30 21.02 -22.77
N VAL A 140 7.41 21.26 -23.74
CA VAL A 140 6.48 20.24 -24.16
C VAL A 140 7.23 19.05 -24.75
N ALA A 141 8.20 19.32 -25.62
CA ALA A 141 8.97 18.24 -26.21
C ALA A 141 9.78 17.48 -25.16
N ALA A 142 10.06 18.11 -24.03
CA ALA A 142 10.82 17.46 -22.97
C ALA A 142 9.95 16.78 -21.93
N ILE A 143 8.63 16.94 -21.99
CA ILE A 143 7.76 16.31 -21.01
C ILE A 143 7.68 14.82 -21.29
N SER A 144 7.93 14.02 -20.25
CA SER A 144 7.99 12.57 -20.43
C SER A 144 6.63 12.05 -20.88
N PRO A 145 6.59 11.06 -21.76
CA PRO A 145 5.30 10.53 -22.20
C PRO A 145 4.55 9.81 -21.10
N ASP A 146 5.24 9.28 -20.10
CA ASP A 146 4.57 8.61 -19.00
C ASP A 146 3.93 9.59 -18.03
N PHE A 147 4.19 10.88 -18.17
CA PHE A 147 3.57 11.88 -17.31
C PHE A 147 2.05 11.82 -17.51
N PRO A 148 1.26 11.70 -16.45
CA PRO A 148 -0.19 11.53 -16.65
C PRO A 148 -0.90 12.81 -17.03
N TYR A 149 -0.31 13.58 -17.93
CA TYR A 149 -0.87 14.85 -18.35
C TYR A 149 -0.40 15.11 -19.77
N ALA A 150 -1.32 15.09 -20.73
CA ALA A 150 -0.99 15.43 -22.10
C ALA A 150 -0.72 16.92 -22.21
N ALA A 151 0.45 17.26 -22.74
CA ALA A 151 0.91 18.64 -22.81
C ALA A 151 0.81 19.15 -24.24
N THR A 152 0.17 20.30 -24.42
CA THR A 152 0.11 20.96 -25.71
C THR A 152 0.53 22.41 -25.56
N ALA A 153 1.38 22.87 -26.46
CA ALA A 153 1.86 24.25 -26.42
C ALA A 153 0.98 25.14 -27.29
N ALA A 154 0.73 26.35 -26.83
CA ALA A 154 -0.04 27.32 -27.60
C ALA A 154 0.45 28.71 -27.23
N ALA A 155 1.28 29.29 -28.10
CA ALA A 155 1.75 30.67 -27.94
C ALA A 155 2.38 30.91 -26.58
N GLY A 156 3.12 29.92 -26.10
CA GLY A 156 3.80 30.05 -24.82
C GLY A 156 3.04 29.59 -23.62
N VAL A 157 1.79 29.14 -23.77
CA VAL A 157 1.02 28.57 -22.68
C VAL A 157 0.97 27.07 -22.90
N ILE A 158 1.42 26.32 -21.91
CA ILE A 158 1.43 24.87 -21.96
C ILE A 158 0.17 24.39 -21.25
N THR A 159 -0.76 23.81 -21.99
CA THR A 159 -1.96 23.23 -21.42
C THR A 159 -1.69 21.77 -21.11
N LEU A 160 -1.76 21.41 -19.84
CA LEU A 160 -1.56 20.07 -19.34
C LEU A 160 -2.94 19.52 -18.98
N THR A 161 -3.45 18.61 -19.81
CA THR A 161 -4.76 18.01 -19.58
C THR A 161 -4.56 16.62 -18.98
N ALA A 162 -5.25 16.35 -17.88
CA ALA A 162 -5.11 15.05 -17.23
C ALA A 162 -5.50 13.94 -18.19
N ARG A 163 -4.73 12.85 -18.18
CA ARG A 163 -5.04 11.71 -19.01
C ARG A 163 -6.28 10.97 -18.53
N ASN A 164 -6.62 11.11 -17.25
CA ASN A 164 -7.77 10.43 -16.67
C ASN A 164 -8.72 11.47 -16.12
N ALA A 165 -9.99 11.35 -16.48
CA ALA A 165 -10.99 12.24 -15.93
C ALA A 165 -11.23 11.92 -14.47
N GLY A 166 -11.82 12.86 -13.77
CA GLY A 166 -12.12 12.69 -12.37
C GLY A 166 -11.33 13.66 -11.51
N THR A 167 -11.57 13.57 -10.20
CA THR A 167 -10.82 14.37 -9.24
C THR A 167 -9.37 13.94 -9.15
N ILE A 168 -9.04 12.75 -9.66
CA ILE A 168 -7.67 12.26 -9.56
C ILE A 168 -6.70 13.14 -10.32
N GLY A 169 -7.18 13.95 -11.23
CA GLY A 169 -6.29 14.85 -11.92
C GLY A 169 -6.02 16.15 -11.22
N ASN A 170 -6.62 16.38 -10.06
CA ASN A 170 -6.57 17.68 -9.40
C ASN A 170 -5.36 17.84 -8.48
N HIS A 171 -4.35 16.99 -8.60
CA HIS A 171 -3.25 17.01 -7.65
C HIS A 171 -1.90 17.13 -8.36
N LEU A 172 -1.82 17.99 -9.36
CA LEU A 172 -0.58 18.25 -10.06
C LEU A 172 0.12 19.44 -9.41
N SER A 173 1.41 19.29 -9.14
CA SER A 173 2.23 20.35 -8.56
C SER A 173 3.49 20.50 -9.40
N VAL A 174 3.51 21.48 -10.28
CA VAL A 174 4.70 21.82 -11.03
C VAL A 174 5.49 22.83 -10.23
N ILE A 175 6.75 22.50 -9.95
CA ILE A 175 7.63 23.38 -9.19
C ILE A 175 8.77 23.76 -10.10
N TYR A 176 8.98 25.07 -10.26
CA TYR A 176 10.08 25.56 -11.07
C TYR A 176 11.36 25.46 -10.26
N THR A 177 11.85 24.24 -10.04
CA THR A 177 12.94 24.00 -9.11
C THR A 177 14.25 24.48 -9.69
N ASN A 178 14.32 25.73 -10.11
CA ASN A 178 15.55 26.26 -10.65
C ASN A 178 15.77 27.68 -10.15
N LEU A 179 14.73 28.28 -9.58
CA LEU A 179 14.81 29.66 -9.13
C LEU A 179 15.81 29.80 -8.00
N GLY A 180 16.69 30.80 -8.12
CA GLY A 180 17.65 31.06 -7.09
C GLY A 180 18.76 30.05 -6.98
N SER A 181 18.80 29.08 -7.89
CA SER A 181 19.83 28.06 -7.82
C SER A 181 21.20 28.67 -8.09
N CYS A 182 22.20 28.17 -7.38
CA CYS A 182 23.56 28.65 -7.57
C CYS A 182 24.26 27.90 -8.69
N THR A 183 23.97 26.61 -8.82
CA THR A 183 24.63 25.81 -9.85
C THR A 183 23.95 25.99 -11.20
N SER A 184 22.68 25.61 -11.30
CA SER A 184 21.92 25.75 -12.54
C SER A 184 21.28 27.12 -12.55
N VAL A 185 21.76 28.01 -13.39
CA VAL A 185 21.30 29.39 -13.41
C VAL A 185 20.13 29.50 -14.36
N THR A 186 18.98 29.86 -13.83
CA THR A 186 17.79 30.03 -14.64
C THR A 186 17.95 31.25 -15.54
N PRO A 187 17.42 31.23 -16.76
CA PRO A 187 17.60 32.37 -17.65
C PRO A 187 16.87 33.61 -17.15
N GLU A 188 17.48 34.76 -17.40
CA GLU A 188 16.80 36.03 -17.18
C GLU A 188 15.65 36.14 -18.17
N GLY A 189 14.63 36.91 -17.81
CA GLY A 189 13.45 36.90 -18.66
C GLY A 189 12.40 35.91 -18.18
N VAL A 190 12.55 34.68 -18.66
CA VAL A 190 11.58 33.59 -18.55
C VAL A 190 10.88 33.56 -17.20
N THR A 191 9.55 33.50 -17.23
CA THR A 191 8.73 33.42 -16.02
C THR A 191 7.79 32.24 -16.17
N VAL A 192 7.87 31.30 -15.22
CA VAL A 192 6.98 30.15 -15.24
C VAL A 192 5.85 30.37 -14.23
N THR A 193 4.61 30.18 -14.67
CA THR A 193 3.44 30.36 -13.82
C THR A 193 2.48 29.20 -14.05
N PHE A 194 1.80 28.77 -13.00
CA PHE A 194 1.09 27.49 -12.95
C PHE A 194 -0.30 27.74 -12.35
N ALA A 195 -1.37 27.37 -13.05
CA ALA A 195 -2.68 27.97 -12.76
C ALA A 195 -3.86 27.01 -12.55
N GLN A 196 -3.92 25.87 -13.23
CA GLN A 196 -5.10 25.00 -13.15
C GLN A 196 -6.39 25.66 -13.61
N THR A 197 -6.57 25.82 -14.89
CA THR A 197 -7.77 26.52 -15.38
C THR A 197 -9.07 25.75 -15.20
N THR A 198 -9.03 24.44 -15.02
CA THR A 198 -10.26 23.70 -14.74
C THR A 198 -10.00 22.58 -13.75
N ALA A 199 -11.06 22.15 -13.07
CA ALA A 199 -10.96 21.18 -11.99
C ALA A 199 -11.54 19.84 -12.42
N GLY A 200 -11.03 18.76 -11.82
CA GLY A 200 -11.62 17.46 -12.03
C GLY A 200 -13.02 17.37 -11.49
N SER A 201 -13.76 16.39 -12.00
CA SER A 201 -15.18 16.23 -11.72
C SER A 201 -15.46 14.75 -11.54
N VAL A 202 -16.71 14.36 -11.81
CA VAL A 202 -17.26 13.06 -11.48
C VAL A 202 -16.24 11.93 -11.59
N ASN A 203 -16.14 11.12 -10.53
CA ASN A 203 -15.21 10.03 -10.38
C ASN A 203 -15.91 8.69 -10.56
N PRO A 204 -15.17 7.63 -10.86
CA PRO A 204 -15.75 6.29 -10.81
C PRO A 204 -16.17 5.92 -9.40
N THR A 205 -17.28 5.21 -9.29
CA THR A 205 -17.72 4.59 -8.05
C THR A 205 -18.13 3.17 -8.41
N PRO A 206 -17.17 2.26 -8.56
CA PRO A 206 -17.49 0.92 -9.02
C PRO A 206 -18.43 0.16 -8.10
N ASN A 207 -18.04 -0.05 -6.84
CA ASN A 207 -18.84 -0.79 -5.87
C ASN A 207 -19.19 -2.18 -6.39
N ASP A 208 -18.23 -2.85 -7.00
CA ASP A 208 -18.44 -4.18 -7.56
C ASP A 208 -17.38 -5.17 -7.08
N TYR A 209 -16.82 -4.94 -5.89
CA TYR A 209 -15.74 -5.79 -5.42
C TYR A 209 -16.24 -7.20 -5.12
N ALA A 210 -17.46 -7.32 -4.62
CA ALA A 210 -18.01 -8.63 -4.31
C ALA A 210 -18.05 -9.52 -5.55
N THR A 211 -18.25 -8.93 -6.72
CA THR A 211 -18.33 -9.69 -7.96
C THR A 211 -16.96 -9.81 -8.61
N VAL A 212 -16.20 -8.72 -8.64
CA VAL A 212 -14.90 -8.71 -9.31
C VAL A 212 -13.87 -9.48 -8.50
N VAL A 213 -13.78 -9.19 -7.21
CA VAL A 213 -12.89 -9.90 -6.30
C VAL A 213 -13.79 -10.74 -5.41
N ASN A 214 -14.20 -11.91 -5.87
CA ASN A 214 -15.21 -12.63 -5.11
C ASN A 214 -14.59 -13.37 -3.92
N GLU A 215 -13.73 -14.33 -4.20
CA GLU A 215 -12.98 -15.00 -3.15
C GLU A 215 -11.50 -14.96 -3.41
N CYS A 216 -11.05 -14.29 -4.46
CA CYS A 216 -9.63 -14.16 -4.77
C CYS A 216 -9.00 -13.18 -3.80
N CYS A 217 -8.43 -13.70 -2.72
CA CYS A 217 -7.87 -12.93 -1.63
C CYS A 217 -6.76 -12.02 -2.10
N PHE A 218 -6.53 -10.92 -1.39
CA PHE A 218 -5.44 -10.01 -1.76
C PHE A 218 -4.87 -9.44 -0.47
N ALA A 219 -3.58 -9.66 -0.23
CA ALA A 219 -2.96 -9.17 0.98
C ALA A 219 -3.04 -7.66 1.09
N VAL A 220 -2.82 -6.96 -0.03
CA VAL A 220 -2.80 -5.51 -0.05
C VAL A 220 -3.67 -5.03 -1.19
N TYR A 221 -4.57 -4.11 -0.91
CA TYR A 221 -5.33 -3.38 -1.92
C TYR A 221 -4.81 -1.96 -1.93
N VAL A 222 -4.37 -1.48 -3.09
CA VAL A 222 -3.92 -0.11 -3.25
C VAL A 222 -4.98 0.62 -4.05
N LEU A 223 -5.47 1.75 -3.53
CA LEU A 223 -6.47 2.53 -4.25
C LEU A 223 -5.82 3.82 -4.72
N SER A 224 -5.82 4.03 -6.03
CA SER A 224 -5.21 5.19 -6.65
C SER A 224 -6.23 6.28 -6.95
N SER A 225 -7.21 6.44 -6.06
CA SER A 225 -8.19 7.50 -6.18
C SER A 225 -8.34 8.20 -4.84
N ASP A 226 -8.57 9.50 -4.90
CA ASP A 226 -8.80 10.30 -3.71
C ASP A 226 -10.26 10.38 -3.32
N ASP A 227 -11.15 9.77 -4.10
CA ASP A 227 -12.58 9.80 -3.82
C ASP A 227 -12.86 9.07 -2.52
N THR A 228 -13.46 9.77 -1.56
CA THR A 228 -13.76 9.14 -0.29
C THR A 228 -14.90 8.13 -0.40
N ASP A 229 -15.79 8.30 -1.37
CA ASP A 229 -16.82 7.30 -1.59
C ASP A 229 -16.23 6.00 -2.11
N TRP A 230 -15.30 6.10 -3.06
CA TRP A 230 -14.63 4.91 -3.57
C TRP A 230 -13.76 4.28 -2.50
N GLN A 231 -13.05 5.10 -1.73
CA GLN A 231 -12.30 4.58 -0.60
C GLN A 231 -13.22 3.88 0.39
N GLU A 232 -14.43 4.40 0.56
CA GLU A 232 -15.37 3.80 1.49
C GLU A 232 -15.89 2.47 0.96
N ASN A 233 -16.08 2.37 -0.35
CA ASN A 233 -16.46 1.08 -0.93
C ASN A 233 -15.36 0.05 -0.74
N LEU A 234 -14.11 0.44 -1.01
CA LEU A 234 -12.99 -0.47 -0.74
C LEU A 234 -12.92 -0.84 0.73
N ARG A 235 -13.19 0.12 1.61
CA ARG A 235 -13.17 -0.14 3.04
C ARG A 235 -14.23 -1.16 3.41
N ASP A 236 -15.44 -1.00 2.89
CA ASP A 236 -16.51 -1.95 3.17
C ASP A 236 -16.16 -3.33 2.64
N TRP A 237 -15.51 -3.38 1.48
CA TRP A 237 -15.12 -4.66 0.92
C TRP A 237 -14.10 -5.35 1.82
N ILE A 238 -13.05 -4.64 2.20
CA ILE A 238 -12.01 -5.26 3.04
C ILE A 238 -12.55 -5.57 4.42
N ARG A 239 -13.54 -4.81 4.89
CA ARG A 239 -14.17 -5.14 6.15
C ARG A 239 -14.96 -6.43 6.03
N SER A 240 -15.64 -6.63 4.91
CA SER A 240 -16.30 -7.90 4.66
C SER A 240 -15.29 -9.03 4.57
N ALA A 241 -14.10 -8.76 4.03
CA ALA A 241 -13.07 -9.78 3.96
C ALA A 241 -12.58 -10.18 5.35
N TRP A 242 -12.67 -9.27 6.31
CA TRP A 242 -12.38 -9.57 7.72
C TRP A 242 -13.68 -9.77 8.49
N ASP A 243 -14.47 -10.77 8.14
CA ASP A 243 -15.77 -10.97 8.78
C ASP A 243 -15.90 -12.39 9.30
N CYS A 244 -16.31 -12.51 10.57
CA CYS A 244 -16.53 -13.82 11.17
C CYS A 244 -17.64 -14.58 10.46
N SER A 245 -18.54 -13.89 9.78
CA SER A 245 -19.71 -14.53 9.21
C SER A 245 -19.34 -15.62 8.22
N LYS A 246 -18.49 -15.29 7.26
CA LYS A 246 -17.98 -16.21 6.27
C LYS A 246 -16.51 -16.48 6.55
N PRO A 247 -15.91 -17.46 5.89
CA PRO A 247 -14.47 -17.63 6.04
C PRO A 247 -13.71 -16.39 5.62
N GLN A 248 -12.97 -15.83 6.56
CA GLN A 248 -12.18 -14.63 6.30
C GLN A 248 -11.01 -15.02 5.42
N CYS A 249 -10.83 -14.31 4.32
CA CYS A 249 -9.52 -14.27 3.68
C CYS A 249 -9.08 -12.82 3.61
N PHE A 250 -8.33 -12.44 4.64
CA PHE A 250 -7.98 -11.08 5.04
C PHE A 250 -7.41 -10.20 3.94
N GLY A 251 -7.29 -8.91 4.23
CA GLY A 251 -6.59 -7.98 3.36
C GLY A 251 -6.36 -6.70 4.11
N HIS A 252 -5.75 -5.73 3.42
CA HIS A 252 -5.54 -4.42 4.02
C HIS A 252 -5.45 -3.39 2.91
N GLY A 253 -6.15 -2.28 3.08
CA GLY A 253 -6.25 -1.26 2.06
C GLY A 253 -5.35 -0.07 2.31
N TYR A 254 -4.90 0.54 1.22
CA TYR A 254 -3.97 1.65 1.27
C TYR A 254 -4.55 2.75 0.40
N VAL A 255 -5.04 3.80 1.05
CA VAL A 255 -5.63 4.96 0.42
C VAL A 255 -4.92 6.17 0.97
N PHE A 256 -5.06 7.29 0.28
CA PHE A 256 -4.48 8.54 0.71
C PHE A 256 -5.57 9.58 0.90
N ASN A 257 -5.27 10.57 1.73
CA ASN A 257 -6.17 11.68 1.99
C ASN A 257 -5.35 12.95 1.95
N LYS A 258 -5.46 13.69 0.86
CA LYS A 258 -4.69 14.91 0.66
C LYS A 258 -5.59 16.11 0.92
N GLY A 259 -5.16 16.99 1.82
CA GLY A 259 -5.93 18.17 2.12
C GLY A 259 -5.40 18.86 3.35
N THR A 260 -6.14 19.88 3.78
CA THR A 260 -5.83 20.57 5.01
C THR A 260 -6.00 19.60 6.19
N LEU A 261 -5.42 19.95 7.32
CA LEU A 261 -5.52 19.07 8.49
C LEU A 261 -6.97 18.80 8.84
N GLY A 262 -7.81 19.82 8.80
CA GLY A 262 -9.22 19.61 9.07
C GLY A 262 -9.87 18.68 8.07
N GLN A 263 -9.53 18.87 6.79
CA GLN A 263 -10.10 18.03 5.74
C GLN A 263 -9.63 16.60 5.85
N VAL A 264 -8.33 16.41 6.09
CA VAL A 264 -7.80 15.06 6.22
C VAL A 264 -8.42 14.36 7.41
N LEU A 265 -8.53 15.06 8.55
CA LEU A 265 -9.11 14.43 9.73
C LEU A 265 -10.59 14.13 9.53
N ALA A 266 -11.30 14.98 8.80
CA ALA A 266 -12.71 14.71 8.53
C ALA A 266 -12.88 13.52 7.61
N ASP A 267 -11.95 13.31 6.68
CA ASP A 267 -12.04 12.17 5.78
C ASP A 267 -11.74 10.85 6.47
N GLY A 268 -11.33 10.86 7.72
CA GLY A 268 -11.02 9.64 8.41
C GLY A 268 -12.19 9.08 9.19
N ASP A 269 -12.11 7.78 9.48
CA ASP A 269 -13.12 7.09 10.26
C ASP A 269 -12.43 5.99 11.05
N ASN A 270 -13.19 5.02 11.54
CA ASN A 270 -12.64 3.98 12.39
C ASN A 270 -12.24 2.74 11.60
N SER A 271 -11.78 2.92 10.37
CA SER A 271 -11.51 1.80 9.48
C SER A 271 -10.19 1.11 9.76
N ALA A 272 -10.23 -0.03 10.46
CA ALA A 272 -9.03 -0.82 10.64
C ALA A 272 -8.54 -1.43 9.34
N GLU A 273 -9.35 -1.39 8.29
CA GLU A 273 -9.05 -2.03 7.03
C GLU A 273 -8.24 -1.14 6.09
N LEU A 274 -8.19 0.14 6.36
CA LEU A 274 -7.47 1.09 5.52
C LEU A 274 -6.32 1.68 6.30
N SER A 275 -5.20 1.88 5.62
CA SER A 275 -4.09 2.61 6.18
C SER A 275 -4.04 3.96 5.46
N ARG A 276 -4.80 4.91 6.01
CA ARG A 276 -4.94 6.22 5.38
C ARG A 276 -3.63 6.99 5.46
N LEU A 277 -3.18 7.51 4.32
CA LEU A 277 -1.92 8.21 4.21
C LEU A 277 -2.24 9.70 4.15
N ALA A 278 -1.94 10.42 5.22
CA ALA A 278 -2.27 11.83 5.30
C ALA A 278 -1.24 12.65 4.54
N LEU A 279 -1.68 13.34 3.49
CA LEU A 279 -0.79 14.15 2.67
C LEU A 279 -1.20 15.61 2.74
N PRO A 280 -0.25 16.52 2.89
CA PRO A 280 -0.60 17.95 2.99
C PRO A 280 -1.11 18.49 1.67
N THR A 281 -1.72 19.67 1.75
CA THR A 281 -2.24 20.31 0.55
C THR A 281 -1.13 20.65 -0.43
N THR A 282 0.04 21.01 0.09
CA THR A 282 1.17 21.39 -0.73
C THR A 282 2.05 20.21 -1.11
N TYR A 283 1.49 19.01 -1.16
CA TYR A 283 2.28 17.82 -1.45
C TYR A 283 2.69 17.81 -2.91
N PRO A 284 3.97 17.84 -3.22
CA PRO A 284 4.41 17.91 -4.63
C PRO A 284 4.12 16.65 -5.43
N VAL A 285 4.51 15.50 -4.89
CA VAL A 285 4.34 14.24 -5.61
C VAL A 285 2.86 13.97 -5.85
N LEU A 286 2.56 13.44 -7.02
CA LEU A 286 1.21 12.96 -7.30
C LEU A 286 0.83 11.94 -6.23
N PRO A 287 -0.28 12.12 -5.53
CA PRO A 287 -0.49 11.35 -4.29
C PRO A 287 -0.57 9.85 -4.51
N TYR A 288 -1.18 9.42 -5.61
CA TYR A 288 -1.36 7.99 -5.81
C TYR A 288 -0.03 7.29 -6.02
N LEU A 289 1.01 8.02 -6.44
CA LEU A 289 2.34 7.43 -6.55
C LEU A 289 2.89 7.08 -5.17
N THR A 290 2.79 8.01 -4.22
CA THR A 290 3.25 7.73 -2.86
C THR A 290 2.40 6.64 -2.22
N ASN A 291 1.09 6.67 -2.47
CA ASN A 291 0.22 5.62 -1.94
C ASN A 291 0.60 4.25 -2.51
N ALA A 292 0.90 4.19 -3.80
CA ALA A 292 1.26 2.93 -4.43
C ALA A 292 2.60 2.42 -3.91
N ALA A 293 3.56 3.32 -3.73
CA ALA A 293 4.83 2.91 -3.16
C ALA A 293 4.65 2.36 -1.74
N TYR A 294 3.83 3.04 -0.93
CA TYR A 294 3.61 2.59 0.43
C TYR A 294 2.94 1.21 0.45
N GLY A 295 1.89 1.04 -0.34
CA GLY A 295 1.21 -0.24 -0.41
C GLY A 295 2.12 -1.34 -0.95
N ALA A 296 2.94 -1.01 -1.93
CA ALA A 296 3.85 -2.01 -2.49
C ALA A 296 4.91 -2.42 -1.49
N LEU A 297 5.40 -1.48 -0.69
CA LEU A 297 6.36 -1.80 0.35
C LEU A 297 5.72 -2.68 1.42
N SER A 298 4.48 -2.37 1.79
CA SER A 298 3.78 -3.18 2.77
C SER A 298 3.57 -4.60 2.26
N ALA A 299 3.12 -4.73 1.01
CA ALA A 299 2.96 -6.05 0.42
C ALA A 299 4.29 -6.80 0.38
N CYS A 300 5.31 -6.16 -0.16
CA CYS A 300 6.62 -6.77 -0.28
C CYS A 300 7.21 -7.11 1.07
N SER A 301 6.66 -6.58 2.17
CA SER A 301 7.03 -7.04 3.51
C SER A 301 6.20 -8.26 3.90
N THR A 302 4.88 -8.19 3.70
CA THR A 302 3.96 -9.29 3.99
C THR A 302 4.52 -10.62 3.50
N CYS A 303 4.97 -10.63 2.25
CA CYS A 303 5.55 -11.81 1.62
C CYS A 303 6.70 -12.38 2.44
N ASN A 304 7.38 -11.53 3.21
CA ASN A 304 8.57 -11.95 3.92
C ASN A 304 8.37 -11.95 5.44
N ASN A 305 8.08 -10.79 6.00
CA ASN A 305 8.02 -10.59 7.44
C ASN A 305 6.74 -9.83 7.78
N PRO A 306 5.68 -10.53 8.16
CA PRO A 306 4.44 -9.82 8.50
C PRO A 306 4.56 -8.95 9.73
N GLU A 307 5.49 -9.26 10.63
CA GLU A 307 5.66 -8.49 11.86
C GLU A 307 6.39 -7.19 11.63
N LEU A 308 6.91 -6.96 10.43
CA LEU A 308 7.65 -5.75 10.15
C LEU A 308 6.71 -4.56 10.07
N ASN A 309 7.17 -3.41 10.56
CA ASN A 309 6.43 -2.17 10.48
C ASN A 309 7.05 -1.29 9.41
N ILE A 310 6.25 -0.92 8.42
CA ILE A 310 6.77 -0.12 7.31
C ILE A 310 6.90 1.31 7.82
N GLN A 311 8.07 1.63 8.35
CA GLN A 311 8.19 2.78 9.23
C GLN A 311 9.66 3.12 9.38
N GLY A 312 9.97 4.40 9.28
CA GLY A 312 11.35 4.83 9.45
C GLY A 312 12.08 4.93 8.13
N GLN A 313 13.32 5.40 8.23
CA GLN A 313 14.11 5.65 7.02
C GLN A 313 14.69 4.37 6.45
N THR A 314 14.66 3.28 7.19
CA THR A 314 15.18 2.03 6.64
C THR A 314 14.06 1.15 6.11
N PHE A 315 13.04 0.88 6.91
CA PHE A 315 12.01 -0.07 6.50
C PHE A 315 10.81 0.58 5.84
N GLY A 316 10.60 1.87 6.06
CA GLY A 316 9.47 2.53 5.45
C GLY A 316 9.90 3.63 4.52
N LEU A 317 11.02 3.44 3.83
CA LEU A 317 11.57 4.44 2.94
C LEU A 317 11.06 4.17 1.53
N LEU A 318 10.25 5.09 1.01
CA LEU A 318 9.69 4.95 -0.33
C LEU A 318 10.71 5.50 -1.31
N SER A 319 11.74 4.70 -1.57
CA SER A 319 12.90 5.17 -2.31
C SER A 319 12.58 5.46 -3.77
N CYS A 320 11.52 4.88 -4.31
CA CYS A 320 11.15 5.19 -5.69
C CYS A 320 10.63 6.61 -5.81
N ILE A 321 9.87 7.08 -4.83
CA ILE A 321 9.40 8.44 -4.85
C ILE A 321 10.55 9.39 -4.54
N ASN A 322 10.60 10.52 -5.25
CA ASN A 322 11.57 11.56 -4.97
C ASN A 322 10.90 12.91 -5.16
N MET A 323 10.86 13.67 -4.11
CA MET A 323 10.28 15.00 -4.05
C MET A 323 11.36 16.01 -3.70
N PRO A 324 11.24 17.25 -4.17
CA PRO A 324 12.28 18.24 -3.89
C PRO A 324 12.30 18.61 -2.42
N GLU A 325 13.51 18.78 -1.90
CA GLU A 325 13.68 19.15 -0.50
C GLU A 325 13.20 20.57 -0.27
N SER A 326 12.68 20.81 0.94
CA SER A 326 12.24 22.15 1.30
C SER A 326 12.39 22.31 2.81
N CYS A 327 12.44 23.56 3.25
CA CYS A 327 12.44 23.84 4.68
C CYS A 327 11.05 23.89 5.26
N THR A 328 10.03 24.17 4.45
CA THR A 328 8.65 24.14 4.89
C THR A 328 8.20 22.69 4.96
N PRO A 329 7.98 22.14 6.14
CA PRO A 329 7.89 20.69 6.27
C PRO A 329 6.52 20.09 6.03
N GLY A 330 5.80 20.51 5.00
CA GLY A 330 4.49 19.92 4.77
C GLY A 330 3.60 20.07 5.98
N TRP A 331 3.38 18.98 6.71
CA TRP A 331 2.72 19.05 8.01
C TRP A 331 3.67 19.62 9.05
N THR A 332 3.22 20.62 9.79
CA THR A 332 3.95 21.03 10.96
C THR A 332 3.81 19.96 12.05
N PHE A 333 4.72 19.98 13.02
CA PHE A 333 4.73 18.90 14.01
C PHE A 333 3.43 18.87 14.80
N GLY A 334 2.76 20.01 14.97
CA GLY A 334 1.44 19.98 15.58
C GLY A 334 0.47 19.17 14.74
N GLU A 335 0.46 19.41 13.44
CA GLU A 335 -0.40 18.64 12.56
C GLU A 335 0.04 17.19 12.49
N VAL A 336 1.35 16.93 12.57
CA VAL A 336 1.83 15.55 12.57
C VAL A 336 1.30 14.81 13.79
N THR A 337 1.38 15.44 14.97
CA THR A 337 0.86 14.79 16.17
C THR A 337 -0.64 14.61 16.10
N GLN A 338 -1.35 15.58 15.55
CA GLN A 338 -2.81 15.45 15.44
C GLN A 338 -3.20 14.34 14.48
N LEU A 339 -2.44 14.17 13.40
CA LEU A 339 -2.75 13.11 12.45
C LEU A 339 -2.41 11.75 13.03
N GLN A 340 -1.22 11.61 13.60
CA GLN A 340 -0.85 10.33 14.19
C GLN A 340 -1.78 9.96 15.33
N ALA A 341 -2.31 10.96 16.02
CA ALA A 341 -3.29 10.69 17.07
C ALA A 341 -4.56 10.08 16.49
N ASN A 342 -5.05 10.64 15.40
CA ASN A 342 -6.27 10.14 14.78
C ASN A 342 -5.98 9.11 13.69
N GLY A 343 -5.14 8.14 13.99
CA GLY A 343 -4.91 7.00 13.12
C GLY A 343 -4.61 7.31 11.67
N PHE A 344 -3.69 8.22 11.41
CA PHE A 344 -3.30 8.56 10.05
C PHE A 344 -1.83 8.29 9.85
N VAL A 345 -1.49 7.66 8.73
CA VAL A 345 -0.10 7.42 8.38
C VAL A 345 0.50 8.73 7.88
N VAL A 346 1.48 9.24 8.59
CA VAL A 346 2.16 10.47 8.20
C VAL A 346 3.47 10.09 7.55
N SER A 347 3.81 10.77 6.48
CA SER A 347 5.04 10.52 5.73
C SER A 347 5.81 11.81 5.63
N GLY A 348 7.13 11.73 5.73
CA GLY A 348 7.94 12.92 5.70
C GLY A 348 9.20 12.75 4.89
N PRO A 349 9.85 13.86 4.56
CA PRO A 349 11.08 13.78 3.76
C PRO A 349 12.20 13.11 4.51
N SER A 350 13.03 12.37 3.78
CA SER A 350 14.14 11.69 4.40
C SER A 350 15.20 12.68 4.87
N THR A 351 15.38 13.77 4.14
CA THR A 351 16.32 14.81 4.52
C THR A 351 15.69 16.17 4.26
N THR A 352 16.00 17.12 5.14
CA THR A 352 15.56 18.50 5.00
C THR A 352 16.76 19.35 4.62
N SER A 353 16.59 20.21 3.62
CA SER A 353 17.69 21.05 3.18
C SER A 353 17.14 22.15 2.29
N GLY A 354 17.97 23.17 2.08
CA GLY A 354 17.62 24.24 1.17
C GLY A 354 18.41 24.15 -0.12
N GLN A 355 19.27 23.13 -0.20
CA GLN A 355 20.08 22.92 -1.39
C GLN A 355 19.26 22.44 -2.59
N GLY A 356 18.00 22.08 -2.38
CA GLY A 356 17.14 21.72 -3.49
C GLY A 356 17.48 20.42 -4.17
N ASN A 357 17.87 19.41 -3.40
CA ASN A 357 18.03 18.08 -3.95
C ASN A 357 16.66 17.42 -4.05
N TYR A 358 16.65 16.12 -4.32
CA TYR A 358 15.44 15.32 -4.23
C TYR A 358 15.56 14.42 -3.02
N THR A 359 14.46 14.24 -2.30
CA THR A 359 14.43 13.39 -1.12
C THR A 359 13.32 12.37 -1.25
N SER A 360 13.55 11.21 -0.69
CA SER A 360 12.56 10.14 -0.72
C SER A 360 11.72 10.17 0.55
N PRO A 361 10.39 10.20 0.46
CA PRO A 361 9.58 10.22 1.67
C PRO A 361 9.61 8.86 2.36
N TYR A 362 9.70 8.90 3.68
CA TYR A 362 9.59 7.70 4.49
C TYR A 362 8.41 7.84 5.45
N ILE A 363 7.88 6.70 5.86
CA ILE A 363 6.65 6.64 6.64
C ILE A 363 6.98 6.82 8.11
N TYR A 364 6.30 7.77 8.76
CA TYR A 364 6.56 8.03 10.17
C TYR A 364 5.98 6.94 11.05
N ASN A 365 4.69 6.64 10.87
CA ASN A 365 4.01 5.59 11.62
C ASN A 365 3.30 4.66 10.65
N ASP A 366 3.44 3.35 10.87
CA ASP A 366 2.78 2.36 10.04
C ASP A 366 1.53 1.87 10.78
N VAL A 367 0.48 2.70 10.75
CA VAL A 367 -0.74 2.41 11.48
C VAL A 367 -1.92 2.35 10.54
N THR A 368 -2.97 1.66 10.99
CA THR A 368 -4.25 1.69 10.30
C THR A 368 -5.09 2.83 10.85
N ASN A 369 -6.20 3.11 10.18
CA ASN A 369 -7.09 4.17 10.63
C ASN A 369 -8.10 3.62 11.64
N TYR A 370 -7.59 2.91 12.63
CA TYR A 370 -8.41 2.26 13.63
C TYR A 370 -8.09 2.86 14.99
N LEU A 371 -9.09 3.36 15.63
CA LEU A 371 -8.84 3.97 16.93
C LEU A 371 -9.63 3.32 18.04
N ARG A 372 -10.82 2.81 17.74
CA ARG A 372 -11.73 2.48 18.81
C ARG A 372 -12.60 1.29 18.44
N ASP A 373 -13.11 0.63 19.47
CA ASP A 373 -13.78 -0.66 19.38
C ASP A 373 -15.18 -0.53 18.82
N GLU A 374 -15.98 -1.59 18.95
CA GLU A 374 -17.40 -1.50 18.62
C GLU A 374 -18.18 -0.78 19.71
N LYS A 375 -17.62 -0.64 20.90
CA LYS A 375 -18.19 0.22 21.95
C LYS A 375 -17.62 1.62 21.92
N ASN A 376 -16.68 1.87 21.01
CA ASN A 376 -15.95 3.10 20.78
C ASN A 376 -14.90 3.41 21.84
N ARG A 377 -15.03 2.88 23.05
CA ARG A 377 -14.03 2.15 23.83
C ARG A 377 -12.64 2.22 23.19
N PRO A 378 -11.94 3.37 23.19
CA PRO A 378 -10.68 3.47 22.43
C PRO A 378 -9.74 2.30 22.68
N ASN A 379 -9.44 1.53 21.64
CA ASN A 379 -8.75 0.26 21.77
C ASN A 379 -7.52 0.25 20.89
N ALA A 380 -6.65 -0.73 21.11
CA ALA A 380 -5.35 -0.78 20.47
C ALA A 380 -5.08 -2.10 19.75
N THR A 381 -6.12 -2.85 19.41
CA THR A 381 -5.88 -4.17 18.82
C THR A 381 -5.41 -4.06 17.38
N PHE A 382 -6.03 -3.19 16.59
CA PHE A 382 -5.73 -3.07 15.17
C PHE A 382 -5.20 -1.69 14.84
N ARG A 383 -4.50 -1.06 15.79
CA ARG A 383 -3.93 0.25 15.54
C ARG A 383 -2.82 0.18 14.51
N ASP A 384 -2.00 -0.87 14.56
CA ASP A 384 -0.88 -1.00 13.66
C ASP A 384 -1.28 -1.76 12.40
N ALA A 385 -0.71 -1.35 11.26
CA ALA A 385 -0.84 -2.14 10.06
C ALA A 385 -0.16 -3.49 10.25
N SER A 386 0.92 -3.49 11.02
CA SER A 386 1.53 -4.73 11.46
C SER A 386 0.52 -5.61 12.18
N SER A 387 -0.42 -5.02 12.91
CA SER A 387 -1.38 -5.82 13.65
C SER A 387 -2.35 -6.52 12.72
N ARG A 388 -2.83 -5.82 11.70
CA ARG A 388 -3.71 -6.47 10.72
C ARG A 388 -2.96 -7.55 9.96
N ARG A 389 -1.78 -7.20 9.44
CA ARG A 389 -0.99 -8.16 8.68
C ARG A 389 -0.66 -9.39 9.51
N LEU A 390 -0.36 -9.19 10.78
CA LEU A 390 0.10 -10.25 11.66
C LEU A 390 -1.07 -11.04 12.23
N ALA A 391 -2.22 -10.42 12.44
CA ALA A 391 -3.42 -11.18 12.79
C ALA A 391 -3.84 -12.07 11.64
N ALA A 392 -3.74 -11.57 10.42
CA ALA A 392 -3.99 -12.42 9.25
C ALA A 392 -3.01 -13.58 9.22
N ALA A 393 -1.72 -13.29 9.38
CA ALA A 393 -0.72 -14.35 9.34
C ALA A 393 -0.95 -15.37 10.45
N THR A 394 -1.29 -14.91 11.65
CA THR A 394 -1.52 -15.82 12.77
C THR A 394 -2.76 -16.67 12.54
N GLY A 395 -3.85 -16.06 12.08
CA GLY A 395 -5.04 -16.83 11.79
C GLY A 395 -4.79 -17.88 10.73
N VAL A 396 -4.08 -17.52 9.66
CA VAL A 396 -3.81 -18.47 8.59
C VAL A 396 -2.89 -19.58 9.07
N ALA A 397 -1.88 -19.23 9.88
CA ALA A 397 -0.95 -20.26 10.36
C ALA A 397 -1.65 -21.22 11.31
N LEU A 398 -2.47 -20.69 12.22
CA LEU A 398 -3.22 -21.54 13.13
C LEU A 398 -4.22 -22.39 12.38
N ALA A 399 -4.85 -21.83 11.34
CA ALA A 399 -5.80 -22.62 10.55
C ALA A 399 -5.10 -23.74 9.81
N GLU A 400 -3.95 -23.45 9.19
CA GLU A 400 -3.22 -24.49 8.48
C GLU A 400 -2.68 -25.54 9.43
N PHE A 401 -2.39 -25.16 10.67
CA PHE A 401 -2.00 -26.18 11.64
C PHE A 401 -3.19 -27.02 12.04
N LEU A 402 -4.34 -26.40 12.30
CA LEU A 402 -5.52 -27.13 12.71
C LEU A 402 -6.07 -27.99 11.59
N GLN A 403 -5.71 -27.72 10.35
CA GLN A 403 -6.15 -28.55 9.24
C GLN A 403 -5.61 -29.96 9.33
N GLN A 404 -4.57 -30.19 10.15
CA GLN A 404 -4.03 -31.53 10.29
C GLN A 404 -4.94 -32.43 11.09
N PHE A 405 -5.89 -31.87 11.84
CA PHE A 405 -6.90 -32.64 12.54
C PHE A 405 -8.13 -32.88 11.70
N ASN A 406 -8.14 -32.39 10.47
CA ASN A 406 -9.26 -32.62 9.57
C ASN A 406 -9.15 -34.01 8.98
N GLY A 407 -10.24 -34.77 9.04
CA GLY A 407 -10.26 -36.13 8.59
C GLY A 407 -9.96 -37.13 9.68
N LEU A 408 -9.13 -36.76 10.65
CA LEU A 408 -8.88 -37.63 11.79
C LEU A 408 -10.18 -37.86 12.56
N ALA A 409 -10.43 -39.11 12.90
CA ALA A 409 -11.57 -39.42 13.76
C ALA A 409 -11.23 -39.07 15.20
N VAL A 410 -12.20 -38.51 15.91
CA VAL A 410 -11.98 -37.93 17.22
C VAL A 410 -12.52 -38.88 18.27
N PHE A 411 -11.66 -39.35 19.15
CA PHE A 411 -12.03 -40.20 20.26
C PHE A 411 -12.25 -39.34 21.50
N THR A 412 -12.73 -39.97 22.57
CA THR A 412 -12.84 -39.23 23.80
C THR A 412 -11.45 -38.97 24.38
N LYS A 413 -11.37 -38.06 25.34
CA LYS A 413 -10.07 -37.57 25.76
C LYS A 413 -9.43 -38.52 26.76
N ASN A 414 -9.90 -39.77 26.78
CA ASN A 414 -9.36 -40.78 27.67
C ASN A 414 -8.83 -41.92 26.84
N THR A 415 -9.36 -42.06 25.63
CA THR A 415 -8.93 -43.11 24.72
C THR A 415 -7.49 -42.92 24.30
N ASN A 416 -6.71 -43.98 24.41
CA ASN A 416 -5.33 -44.04 23.91
C ASN A 416 -5.27 -44.62 22.51
N ILE A 417 -5.44 -43.81 21.48
CA ILE A 417 -5.50 -44.26 20.09
C ILE A 417 -4.39 -45.26 19.79
N ARG A 418 -4.78 -46.42 19.26
CA ARG A 418 -3.81 -47.45 18.90
C ARG A 418 -3.03 -47.00 17.68
N THR A 419 -1.85 -47.57 17.47
CA THR A 419 -1.06 -47.17 16.32
C THR A 419 -1.72 -47.67 15.04
N GLY A 420 -1.48 -46.93 13.96
CA GLY A 420 -2.07 -47.23 12.69
C GLY A 420 -3.47 -46.69 12.51
N ILE A 421 -4.07 -46.14 13.56
CA ILE A 421 -5.41 -45.58 13.49
C ILE A 421 -5.28 -44.09 13.24
N ILE A 422 -5.95 -43.60 12.21
CA ILE A 422 -5.95 -42.17 11.92
C ILE A 422 -6.96 -41.51 12.84
N GLY A 423 -6.51 -41.13 14.03
CA GLY A 423 -7.40 -40.60 15.04
C GLY A 423 -6.67 -39.73 16.03
N THR A 424 -7.46 -39.05 16.85
CA THR A 424 -6.94 -38.15 17.87
C THR A 424 -8.05 -37.90 18.87
N ASN A 425 -7.68 -37.35 20.02
CA ASN A 425 -8.65 -36.98 21.04
C ASN A 425 -8.41 -35.54 21.44
N PRO A 426 -9.39 -34.88 22.04
CA PRO A 426 -9.21 -33.47 22.42
C PRO A 426 -7.97 -33.20 23.22
N ARG A 427 -7.52 -34.17 24.03
CA ARG A 427 -6.31 -33.97 24.81
C ARG A 427 -5.08 -33.88 23.92
N LEU A 428 -4.94 -34.83 22.98
CA LEU A 428 -3.82 -34.77 22.04
C LEU A 428 -3.92 -33.54 21.17
N MET A 429 -5.13 -33.17 20.75
CA MET A 429 -5.31 -31.97 19.96
C MET A 429 -4.80 -30.74 20.70
N LEU A 430 -5.21 -30.59 21.95
CA LEU A 430 -4.78 -29.43 22.73
C LEU A 430 -3.28 -29.46 22.98
N GLY A 431 -2.72 -30.63 23.22
CA GLY A 431 -1.28 -30.72 23.39
C GLY A 431 -0.54 -30.27 22.16
N LYS A 432 -0.99 -30.70 20.98
CA LYS A 432 -0.31 -30.32 19.75
C LYS A 432 -0.51 -28.84 19.45
N ILE A 433 -1.69 -28.29 19.79
CA ILE A 433 -1.92 -26.86 19.59
C ILE A 433 -1.01 -26.05 20.51
N ARG A 434 -0.87 -26.47 21.76
CA ARG A 434 0.01 -25.77 22.68
C ARG A 434 1.46 -25.85 22.22
N LYS A 435 1.86 -27.01 21.71
CA LYS A 435 3.22 -27.12 21.20
C LYS A 435 3.42 -26.22 19.99
N TRP A 436 2.42 -26.13 19.11
CA TRP A 436 2.51 -25.22 17.98
C TRP A 436 2.69 -23.78 18.45
N ALA A 437 1.84 -23.34 19.38
CA ALA A 437 1.91 -21.97 19.85
C ALA A 437 3.24 -21.68 20.51
N GLN A 438 3.75 -22.61 21.32
CA GLN A 438 5.05 -22.42 21.93
C GLN A 438 6.16 -22.48 20.89
N ASP A 439 5.91 -23.08 19.73
CA ASP A 439 6.89 -23.10 18.66
C ASP A 439 6.96 -21.76 17.95
N ASN A 440 5.91 -20.95 18.04
CA ASN A 440 5.84 -19.67 17.34
C ASN A 440 6.09 -18.49 18.26
N VAL A 441 6.65 -18.74 19.44
CA VAL A 441 7.06 -17.67 20.33
C VAL A 441 8.37 -17.10 19.82
N GLY A 442 8.40 -15.79 19.60
CA GLY A 442 9.55 -15.16 18.98
C GLY A 442 9.48 -15.11 17.47
N THR A 443 8.50 -15.78 16.87
CA THR A 443 8.23 -15.67 15.46
C THR A 443 6.91 -15.01 15.16
N LEU A 444 5.88 -15.34 15.92
CA LEU A 444 4.54 -14.88 15.65
C LEU A 444 3.85 -14.35 16.89
N PHE A 445 4.30 -14.74 18.08
CA PHE A 445 3.80 -14.20 19.33
C PHE A 445 4.99 -13.74 20.15
N SER A 446 4.72 -13.12 21.30
CA SER A 446 5.73 -12.99 22.33
C SER A 446 5.62 -14.22 23.21
N GLU A 447 6.18 -14.17 24.41
CA GLU A 447 6.11 -15.33 25.29
C GLU A 447 4.68 -15.50 25.78
N PHE A 448 4.43 -16.47 26.64
CA PHE A 448 3.06 -16.76 27.09
C PHE A 448 3.04 -16.65 28.60
N ASP A 449 2.25 -15.72 29.11
CA ASP A 449 2.01 -15.56 30.54
C ASP A 449 1.77 -16.92 31.19
N ASN A 450 0.80 -17.66 30.65
CA ASN A 450 0.53 -19.01 31.10
C ASN A 450 -0.10 -19.76 29.92
N ILE A 451 0.71 -20.55 29.24
CA ILE A 451 0.28 -21.18 27.99
C ILE A 451 -0.83 -22.17 28.28
N ASN A 452 -0.92 -22.65 29.52
CA ASN A 452 -1.98 -23.58 29.89
C ASN A 452 -3.32 -22.87 30.00
N GLU A 453 -3.33 -21.67 30.57
CA GLU A 453 -4.56 -20.91 30.71
C GLU A 453 -4.81 -19.96 29.55
N ASP A 454 -3.86 -19.83 28.63
CA ASP A 454 -4.08 -18.95 27.48
C ASP A 454 -4.73 -19.70 26.34
N ILE A 455 -4.44 -20.98 26.18
CA ILE A 455 -4.99 -21.80 25.11
C ILE A 455 -5.88 -22.86 25.74
N GLN A 456 -7.16 -22.79 25.44
CA GLN A 456 -8.14 -23.72 25.98
C GLN A 456 -8.91 -24.36 24.83
N LEU A 457 -9.16 -25.65 24.94
CA LEU A 457 -9.94 -26.39 23.95
C LEU A 457 -11.08 -27.07 24.65
N LEU A 458 -12.31 -26.78 24.22
CA LEU A 458 -13.50 -27.38 24.77
C LEU A 458 -14.24 -28.11 23.67
N THR A 459 -14.84 -29.25 24.01
CA THR A 459 -15.75 -29.86 23.06
C THR A 459 -17.04 -29.05 23.03
N ASP A 460 -17.86 -29.31 22.01
CA ASP A 460 -19.16 -28.66 21.97
C ASP A 460 -20.12 -29.20 23.02
N PHE A 461 -19.74 -30.29 23.70
CA PHE A 461 -20.59 -30.84 24.75
C PHE A 461 -20.47 -30.07 26.04
N GLU A 462 -19.29 -29.52 26.33
CA GLU A 462 -19.09 -28.73 27.53
C GLU A 462 -19.28 -27.25 27.30
N VAL A 463 -19.78 -26.86 26.13
CA VAL A 463 -20.15 -25.48 25.86
C VAL A 463 -21.66 -25.33 25.72
N GLN A 464 -22.31 -26.24 25.00
CA GLN A 464 -23.73 -26.19 24.78
C GLN A 464 -24.48 -26.88 25.92
N PRO A 465 -25.80 -26.67 26.02
CA PRO A 465 -26.57 -27.37 27.05
C PRO A 465 -26.59 -28.88 26.89
N LYS A 466 -27.24 -29.57 27.81
CA LYS A 466 -27.26 -31.02 27.78
C LYS A 466 -27.96 -31.54 26.53
N CYS A 467 -27.30 -32.47 25.85
CA CYS A 467 -27.80 -33.15 24.65
C CYS A 467 -28.05 -32.20 23.49
N VAL A 468 -27.53 -30.97 23.56
CA VAL A 468 -27.68 -30.01 22.49
C VAL A 468 -26.40 -29.84 21.67
N GLY A 469 -25.23 -30.04 22.28
CA GLY A 469 -23.99 -29.89 21.54
C GLY A 469 -23.79 -31.00 20.54
N GLN A 470 -23.12 -30.66 19.45
CA GLN A 470 -22.94 -31.65 18.41
C GLN A 470 -21.58 -32.31 18.53
N PRO A 471 -21.46 -33.59 18.19
CA PRO A 471 -20.16 -34.24 18.26
C PRO A 471 -19.22 -33.72 17.20
N GLY A 472 -17.94 -33.71 17.53
CA GLY A 472 -16.92 -33.31 16.60
C GLY A 472 -16.78 -31.83 16.38
N ILE A 473 -17.37 -31.00 17.22
CA ILE A 473 -17.24 -29.55 17.14
C ILE A 473 -16.45 -29.10 18.36
N PHE A 474 -15.41 -28.31 18.11
CA PHE A 474 -14.51 -27.85 19.16
C PHE A 474 -14.49 -26.33 19.21
N HIS A 475 -14.16 -25.82 20.38
CA HIS A 475 -14.03 -24.38 20.62
C HIS A 475 -12.66 -24.14 21.20
N LEU A 476 -11.82 -23.45 20.44
CA LEU A 476 -10.45 -23.14 20.83
C LEU A 476 -10.36 -21.66 21.13
N ASN A 477 -9.98 -21.33 22.35
CA ASN A 477 -9.74 -19.95 22.76
C ASN A 477 -8.24 -19.78 22.93
N MET A 478 -7.67 -18.82 22.21
CA MET A 478 -6.24 -18.55 22.29
C MET A 478 -6.05 -17.08 22.63
N ARG A 479 -5.47 -16.81 23.80
CA ARG A 479 -5.17 -15.47 24.25
C ARG A 479 -3.66 -15.28 24.10
N TYR A 480 -3.24 -14.79 22.95
CA TYR A 480 -1.85 -14.63 22.63
C TYR A 480 -1.42 -13.18 22.76
N ARG A 481 -0.11 -12.96 22.73
CA ARG A 481 0.47 -11.62 22.79
C ARG A 481 1.25 -11.39 21.50
N PRO A 482 0.74 -10.61 20.56
CA PRO A 482 1.49 -10.36 19.34
C PRO A 482 2.54 -9.30 19.55
N PRO A 483 3.55 -9.25 18.69
CA PRO A 483 4.50 -8.14 18.75
C PRO A 483 3.81 -6.82 18.49
N VAL A 484 4.26 -5.79 19.17
CA VAL A 484 3.71 -4.46 19.00
C VAL A 484 4.61 -3.69 18.04
N ARG A 485 4.09 -2.57 17.55
CA ARG A 485 4.79 -1.84 16.51
C ARG A 485 6.05 -1.17 17.05
N GLY A 486 5.91 -0.34 18.07
CA GLY A 486 7.02 0.46 18.53
C GLY A 486 6.87 1.84 17.96
N ALA A 487 6.33 2.76 18.75
CA ALA A 487 5.87 4.04 18.23
C ALA A 487 6.84 5.17 18.55
N ARG A 488 7.35 5.21 19.77
CA ARG A 488 8.18 6.32 20.20
C ARG A 488 9.15 5.83 21.25
N ILE A 489 10.33 6.45 21.27
CA ILE A 489 11.30 6.24 22.33
C ILE A 489 11.58 7.61 22.94
N ASN A 490 10.98 7.88 24.09
CA ASN A 490 11.19 9.14 24.79
C ASN A 490 12.53 9.05 25.50
N VAL A 491 13.56 9.62 24.90
CA VAL A 491 14.90 9.61 25.48
C VAL A 491 15.09 10.89 26.27
N ASN A 492 15.61 10.76 27.49
CA ASN A 492 15.79 11.88 28.40
C ASN A 492 17.27 11.92 28.77
N MET A 493 18.03 12.73 28.05
CA MET A 493 19.46 12.87 28.31
C MET A 493 19.67 13.77 29.51
N ALA A 494 20.55 13.34 30.42
CA ALA A 494 20.84 14.08 31.65
C ALA A 494 22.35 14.16 31.81
N PRO A 495 22.98 15.18 31.25
CA PRO A 495 24.43 15.30 31.38
C PRO A 495 24.83 15.56 32.82
N ALA A 496 25.83 14.83 33.29
CA ALA A 496 26.36 14.98 34.64
C ALA A 496 27.77 15.56 34.53
N LEU A 497 27.98 16.74 35.09
CA LEU A 497 29.24 17.45 34.98
C LEU A 497 30.05 17.45 36.25
N PHE A 498 29.46 17.12 37.39
CA PHE A 498 30.12 17.25 38.68
C PHE A 498 30.65 15.90 39.13
N ASP A 499 31.77 15.94 39.84
CA ASP A 499 32.41 14.73 40.35
C ASP A 499 32.19 14.52 41.83
N ASN A 500 31.95 15.58 42.60
CA ASN A 500 31.81 15.46 44.04
C ASN A 500 30.35 15.61 44.48
N CYS A 501 29.40 15.47 43.56
CA CYS A 501 27.99 15.51 43.89
C CYS A 501 27.27 14.30 43.31
#